data_2UWP
#
_entry.id   2UWP
#
_cell.length_a   56.448
_cell.length_b   71.963
_cell.length_c   78.671
_cell.angle_alpha   90.00
_cell.angle_beta   90.00
_cell.angle_gamma   90.00
#
_symmetry.space_group_name_H-M   'P 21 21 21'
#
loop_
_entity.id
_entity.type
_entity.pdbx_description
1 polymer 'COAGULATION FACTOR X'
2 polymer 'COAGULATION FACTOR X'
3 non-polymer 2-(5-CHLORO-2-THIENYL)-N-{(3S)-1-[(1S)-1-METHYL-2-MORPHOLIN-4-YL-2-OXOETHYL]-2-OXOPYRROLIDIN-3-YL}ETHANESULFONAMIDE
4 non-polymer 'CALCIUM ION'
5 non-polymer 'MAGNESIUM ION'
6 water water
#
loop_
_entity_poly.entity_id
_entity_poly.type
_entity_poly.pdbx_seq_one_letter_code
_entity_poly.pdbx_strand_id
1 'polypeptide(L)'
;IVGGQECKDGECPWQALLINEENEGFCGGTILSEFYILTAAHCLYQAKRFKVRVGDRNTEQEEGGEAVHEVEVVIKHNRF
TKETYDFDIAVLRLKTPITFRMNVAPACLPERDWAESTLMTQKTGIVSGFGRTHEKGRQSTRLKMLEVPYVDRNSCKLSS
SFIITQNMFCAGYDTKQEDACQGDSGGPHVTRFKDTYFVTGIVSWGEGCARKGKYGIYTKVTAFLKWIDRSMKTRGLPKA
KSHAPEVITSSPLK
;
A
2 'polypeptide(L)'
;EEMKKGHLERECMEETCSYEEAREVFEDSDKTNEFWNKYKDGDQCETSPCQNQGKCKDGLGEYTCTCLEGFEGKNCELFT
RKLCSLDNGDCDQFCHEEQNSVVCSCARGYTLADNGKACIPTGPYPCGKQTLER
;
B
#
# COMPACT_ATOMS: atom_id res chain seq x y z
N ILE A 1 -9.91 0.35 10.15
CA ILE A 1 -10.83 0.69 9.03
C ILE A 1 -12.29 0.92 9.44
N VAL A 2 -12.81 2.11 9.13
CA VAL A 2 -14.23 2.47 9.38
C VAL A 2 -15.03 2.15 8.11
N GLY A 3 -16.06 1.32 8.25
CA GLY A 3 -16.85 0.93 7.10
C GLY A 3 -16.10 -0.16 6.34
N GLY A 4 -16.31 -0.24 5.03
CA GLY A 4 -15.62 -1.25 4.20
C GLY A 4 -16.11 -2.66 4.49
N GLN A 5 -15.31 -3.66 4.13
CA GLN A 5 -15.71 -5.04 4.27
C GLN A 5 -14.54 -5.86 4.85
N GLU A 6 -14.80 -7.07 5.34
CA GLU A 6 -13.66 -7.93 5.76
C GLU A 6 -12.89 -8.35 4.52
N CYS A 7 -11.57 -8.50 4.65
CA CYS A 7 -10.80 -9.13 3.57
C CYS A 7 -11.13 -10.58 3.64
N LYS A 8 -11.61 -11.10 2.53
CA LYS A 8 -11.93 -12.52 2.43
C LYS A 8 -10.66 -13.29 2.05
N ASP A 9 -10.78 -14.62 2.07
CA ASP A 9 -9.65 -15.51 1.87
C ASP A 9 -8.86 -15.16 0.60
N GLY A 10 -7.59 -14.84 0.78
CA GLY A 10 -6.67 -14.47 -0.34
C GLY A 10 -6.76 -13.07 -0.92
N GLU A 11 -7.64 -12.22 -0.36
CA GLU A 11 -7.90 -10.93 -0.99
C GLU A 11 -6.94 -9.78 -0.69
N CYS A 12 -6.23 -9.86 0.44
CA CYS A 12 -5.29 -8.79 0.85
C CYS A 12 -3.97 -9.46 1.25
N PRO A 13 -3.36 -10.24 0.34
CA PRO A 13 -2.25 -11.04 0.77
C PRO A 13 -0.98 -10.27 1.10
N TRP A 14 -0.93 -9.00 0.68
CA TRP A 14 0.27 -8.14 0.88
C TRP A 14 0.18 -7.35 2.17
N GLN A 15 -0.85 -7.62 2.96
CA GLN A 15 -0.96 -6.91 4.26
C GLN A 15 0.07 -7.44 5.27
N ALA A 16 0.78 -6.55 5.95
CA ALA A 16 1.67 -6.92 7.05
C ALA A 16 1.14 -6.17 8.27
N LEU A 17 1.43 -6.73 9.45
CA LEU A 17 1.03 -6.10 10.71
C LEU A 17 2.26 -5.97 11.60
N LEU A 18 2.57 -4.74 12.05
CA LEU A 18 3.72 -4.54 12.93
C LEU A 18 3.17 -4.83 14.31
N ILE A 19 3.80 -5.76 15.02
CA ILE A 19 3.33 -6.18 16.35
C ILE A 19 4.36 -5.84 17.43
N ASN A 20 3.88 -5.39 18.57
CA ASN A 20 4.78 -5.03 19.64
C ASN A 20 5.11 -6.26 20.48
N GLU A 21 5.85 -6.02 21.56
CA GLU A 21 6.27 -7.04 22.52
C GLU A 21 5.12 -7.84 23.11
N GLU A 22 3.95 -7.20 23.18
CA GLU A 22 2.74 -7.83 23.72
C GLU A 22 1.89 -8.56 22.66
N ASN A 23 2.48 -8.77 21.47
CA ASN A 23 1.79 -9.41 20.32
C ASN A 23 0.54 -8.65 19.85
N GLU A 24 0.57 -7.34 20.00
CA GLU A 24 -0.53 -6.47 19.60
C GLU A 24 -0.12 -5.65 18.39
N GLY A 25 -1.00 -5.55 17.40
CA GLY A 25 -0.71 -4.75 16.22
C GLY A 25 -0.84 -3.28 16.55
N PHE A 26 0.07 -2.48 16.01
CA PHE A 26 -0.01 -1.03 16.19
C PHE A 26 0.08 -0.27 14.86
N CYS A 27 0.55 -0.94 13.80
CA CYS A 27 0.68 -0.32 12.48
C CYS A 27 0.62 -1.41 11.43
N GLY A 28 0.41 -1.00 10.19
CA GLY A 28 0.37 -1.96 9.10
C GLY A 28 1.62 -1.78 8.29
N GLY A 29 1.74 -2.61 7.26
CA GLY A 29 2.82 -2.52 6.33
C GLY A 29 2.35 -3.22 5.08
N THR A 30 3.14 -3.10 4.02
CA THR A 30 2.87 -3.78 2.74
C THR A 30 4.07 -4.66 2.38
N ILE A 31 3.78 -5.91 2.03
CA ILE A 31 4.83 -6.84 1.60
C ILE A 31 5.28 -6.41 0.19
N LEU A 32 6.56 -6.07 0.04
CA LEU A 32 7.11 -5.71 -1.28
C LEU A 32 7.86 -6.87 -1.90
N SER A 33 8.42 -7.76 -1.08
CA SER A 33 9.22 -8.85 -1.60
C SER A 33 9.49 -9.81 -0.44
N GLU A 34 10.21 -10.90 -0.71
CA GLU A 34 10.42 -11.86 0.34
C GLU A 34 11.15 -11.27 1.53
N PHE A 35 11.96 -10.23 1.30
CA PHE A 35 12.73 -9.63 2.40
C PHE A 35 12.29 -8.26 2.88
N TYR A 36 11.41 -7.59 2.13
CA TYR A 36 11.08 -6.20 2.46
C TYR A 36 9.64 -5.85 2.67
N ILE A 37 9.43 -5.03 3.70
CA ILE A 37 8.13 -4.49 4.08
C ILE A 37 8.16 -2.97 3.99
N LEU A 38 7.11 -2.40 3.40
CA LEU A 38 6.97 -0.96 3.30
C LEU A 38 6.09 -0.49 4.45
N THR A 39 6.48 0.56 5.15
CA THR A 39 5.63 1.07 6.24
C THR A 39 5.80 2.59 6.36
N ALA A 40 5.14 3.19 7.33
CA ALA A 40 5.25 4.64 7.53
C ALA A 40 6.41 4.89 8.50
N ALA A 41 7.20 5.91 8.23
CA ALA A 41 8.30 6.28 9.16
C ALA A 41 7.77 6.61 10.54
N HIS A 42 6.57 7.21 10.66
CA HIS A 42 6.11 7.59 12.01
C HIS A 42 5.77 6.39 12.91
N CYS A 43 5.50 5.24 12.29
CA CYS A 43 5.20 4.02 13.03
C CYS A 43 6.39 3.53 13.86
N LEU A 44 7.59 3.90 13.44
CA LEU A 44 8.82 3.44 14.08
C LEU A 44 9.02 3.97 15.48
N TYR A 45 8.24 5.00 15.84
CA TYR A 45 8.31 5.60 17.16
C TYR A 45 7.26 5.05 18.12
N GLN A 46 6.39 4.16 17.64
CA GLN A 46 5.29 3.63 18.47
C GLN A 46 5.55 2.31 19.21
N ALA A 47 6.80 1.87 19.20
CA ALA A 47 7.20 0.63 19.89
C ALA A 47 8.73 0.53 19.90
N LYS A 48 9.27 0.14 21.05
CA LYS A 48 10.72 0.01 21.25
C LYS A 48 11.27 -1.14 20.39
N ARG A 49 10.55 -2.25 20.39
CA ARG A 49 10.98 -3.45 19.69
C ARG A 49 9.72 -4.04 19.05
N PHE A 50 9.79 -4.35 17.76
CA PHE A 50 8.61 -4.91 17.11
C PHE A 50 8.99 -6.00 16.08
N LYS A 51 7.99 -6.81 15.71
CA LYS A 51 8.17 -7.83 14.69
C LYS A 51 7.09 -7.61 13.62
N VAL A 52 7.14 -8.41 12.56
CA VAL A 52 6.18 -8.23 11.46
C VAL A 52 5.42 -9.54 11.30
N ARG A 53 4.10 -9.46 11.35
CA ARG A 53 3.23 -10.64 11.12
C ARG A 53 2.54 -10.55 9.73
N VAL A 54 2.58 -11.66 8.99
CA VAL A 54 1.98 -11.73 7.67
C VAL A 54 1.05 -12.94 7.64
N GLY A 55 0.11 -12.94 6.68
CA GLY A 55 -0.80 -14.08 6.49
C GLY A 55 -1.85 -14.23 7.56
N ASP A 56 -2.23 -13.11 8.17
CA ASP A 56 -3.21 -13.18 9.26
C ASP A 56 -4.44 -12.41 8.86
N ARG A 57 -5.64 -12.99 9.07
CA ARG A 57 -6.86 -12.23 8.79
C ARG A 57 -7.73 -12.07 10.05
N ASN A 58 -7.45 -12.88 11.06
CA ASN A 58 -8.27 -12.88 12.29
C ASN A 58 -7.29 -13.05 13.43
N THR A 59 -7.10 -12.01 14.24
CA THR A 59 -6.13 -12.09 15.32
C THR A 59 -6.58 -13.03 16.49
N GLU A 60 -7.79 -13.55 16.42
CA GLU A 60 -8.34 -14.45 17.48
C GLU A 60 -8.33 -15.96 17.17
N GLN A 61 -7.87 -16.36 16.00
CA GLN A 61 -7.82 -17.79 15.65
C GLN A 61 -6.57 -18.03 14.86
N GLU A 62 -6.05 -19.26 14.88
CA GLU A 62 -4.90 -19.60 14.04
C GLU A 62 -5.43 -20.16 12.72
N GLU A 63 -5.31 -19.37 11.66
CA GLU A 63 -5.79 -19.73 10.31
C GLU A 63 -4.88 -20.76 9.61
N GLY A 64 -3.62 -20.85 10.05
CA GLY A 64 -2.61 -21.78 9.50
C GLY A 64 -1.60 -21.12 8.55
N GLY A 65 -1.90 -19.89 8.15
CA GLY A 65 -1.03 -19.21 7.20
C GLY A 65 -0.15 -18.15 7.84
N GLU A 66 -0.35 -17.89 9.13
CA GLU A 66 0.38 -16.80 9.76
C GLU A 66 1.86 -17.09 9.92
N ALA A 67 2.64 -16.02 9.81
CA ALA A 67 4.09 -16.11 10.01
C ALA A 67 4.61 -14.82 10.63
N VAL A 68 5.39 -14.94 11.71
CA VAL A 68 6.02 -13.80 12.35
C VAL A 68 7.49 -13.72 11.91
N HIS A 69 7.94 -12.51 11.60
CA HIS A 69 9.28 -12.25 11.11
C HIS A 69 10.02 -11.16 11.89
N GLU A 70 11.25 -11.45 12.29
CA GLU A 70 12.05 -10.44 12.93
C GLU A 70 12.64 -9.48 11.90
N VAL A 71 12.83 -8.23 12.33
CA VAL A 71 13.41 -7.19 11.48
C VAL A 71 14.92 -7.11 11.73
N GLU A 72 15.66 -7.17 10.65
CA GLU A 72 17.11 -7.08 10.67
C GLU A 72 17.57 -5.63 10.51
N VAL A 73 16.89 -4.87 9.65
CA VAL A 73 17.30 -3.49 9.39
C VAL A 73 16.09 -2.61 9.16
N VAL A 74 16.11 -1.42 9.77
CA VAL A 74 15.06 -0.42 9.56
C VAL A 74 15.67 0.71 8.71
N ILE A 75 15.06 1.02 7.57
CA ILE A 75 15.55 2.07 6.67
C ILE A 75 14.47 3.17 6.64
N LYS A 76 14.70 4.18 7.45
CA LYS A 76 13.76 5.28 7.63
C LYS A 76 14.22 6.45 6.75
N HIS A 77 13.29 7.12 6.05
CA HIS A 77 13.71 8.21 5.17
C HIS A 77 14.36 9.29 6.03
N ASN A 78 15.54 9.76 5.61
CA ASN A 78 16.27 10.74 6.43
C ASN A 78 15.60 12.11 6.52
N ARG A 79 14.72 12.41 5.56
CA ARG A 79 14.04 13.71 5.57
C ARG A 79 12.71 13.66 6.30
N PHE A 80 12.39 12.52 6.94
CA PHE A 80 11.15 12.42 7.70
C PHE A 80 11.09 13.53 8.71
N THR A 81 9.92 14.13 8.88
CA THR A 81 9.71 15.16 9.89
C THR A 81 8.40 14.98 10.64
N LYS A 82 8.54 14.78 11.95
CA LYS A 82 7.43 14.57 12.86
C LYS A 82 6.47 15.75 12.93
N GLU A 83 6.91 16.93 12.54
CA GLU A 83 6.03 18.10 12.63
C GLU A 83 4.95 18.16 11.56
N THR A 84 5.24 17.56 10.41
CA THR A 84 4.30 17.60 9.30
C THR A 84 4.02 16.22 8.70
N TYR A 85 4.81 15.22 9.11
CA TYR A 85 4.74 13.86 8.52
C TYR A 85 5.16 13.84 7.07
N ASP A 86 5.94 14.82 6.67
CA ASP A 86 6.46 14.85 5.33
C ASP A 86 7.47 13.69 5.27
N PHE A 87 7.63 13.08 4.11
CA PHE A 87 8.56 11.94 3.95
C PHE A 87 8.24 10.79 4.93
N ASP A 88 6.95 10.46 5.07
CA ASP A 88 6.46 9.43 6.01
C ASP A 88 6.59 8.04 5.36
N ILE A 89 7.80 7.52 5.37
CA ILE A 89 8.08 6.24 4.68
C ILE A 89 9.32 5.56 5.25
N ALA A 90 9.23 4.26 5.36
CA ALA A 90 10.34 3.46 5.83
C ALA A 90 10.22 2.12 5.16
N VAL A 91 11.35 1.46 5.04
CA VAL A 91 11.39 0.09 4.53
C VAL A 91 12.05 -0.76 5.60
N LEU A 92 11.51 -1.97 5.81
CA LEU A 92 12.06 -2.89 6.80
C LEU A 92 12.67 -4.08 6.09
N ARG A 93 13.92 -4.43 6.40
CA ARG A 93 14.49 -5.67 5.86
C ARG A 93 14.31 -6.74 6.93
N LEU A 94 13.72 -7.87 6.55
CA LEU A 94 13.51 -8.96 7.44
C LEU A 94 14.74 -9.88 7.61
N LYS A 95 14.88 -10.47 8.80
CA LYS A 95 15.98 -11.42 9.09
C LYS A 95 15.84 -12.72 8.25
N THR A 96 14.60 -13.17 8.03
CA THR A 96 14.35 -14.43 7.28
C THR A 96 13.31 -14.11 6.18
N PRO A 97 13.41 -14.76 5.00
CA PRO A 97 12.51 -14.42 3.90
C PRO A 97 11.08 -14.92 4.12
N ILE A 98 10.11 -14.19 3.58
CA ILE A 98 8.72 -14.57 3.70
C ILE A 98 8.50 -15.66 2.69
N THR A 99 7.83 -16.72 3.12
CA THR A 99 7.48 -17.80 2.21
C THR A 99 6.07 -17.49 1.71
N PHE A 100 5.95 -17.13 0.45
CA PHE A 100 4.62 -16.83 -0.12
C PHE A 100 3.71 -18.08 -0.14
N ARG A 101 2.42 -17.84 0.02
CA ARG A 101 1.42 -18.86 0.09
C ARG A 101 0.06 -18.18 0.09
N MET A 102 -0.99 -18.98 0.29
CA MET A 102 -2.31 -18.40 0.36
C MET A 102 -2.25 -17.34 1.47
N ASN A 103 -2.81 -16.14 1.21
CA ASN A 103 -2.77 -14.97 2.11
C ASN A 103 -1.41 -14.30 2.33
N VAL A 104 -0.39 -14.69 1.57
CA VAL A 104 0.95 -14.06 1.78
C VAL A 104 1.57 -13.89 0.41
N ALA A 105 1.53 -12.68 -0.11
CA ALA A 105 2.12 -12.40 -1.42
C ALA A 105 2.42 -10.90 -1.51
N PRO A 106 3.38 -10.52 -2.34
CA PRO A 106 3.71 -9.09 -2.41
C PRO A 106 2.79 -8.28 -3.33
N ALA A 107 2.72 -6.98 -3.08
CA ALA A 107 2.00 -6.08 -4.01
C ALA A 107 3.06 -5.63 -5.02
N CYS A 108 2.65 -5.21 -6.20
CA CYS A 108 3.63 -4.77 -7.20
C CYS A 108 4.01 -3.30 -7.03
N LEU A 109 5.28 -2.99 -7.26
CA LEU A 109 5.69 -1.60 -7.30
C LEU A 109 5.52 -1.14 -8.74
N PRO A 110 4.84 -0.02 -8.95
CA PRO A 110 4.70 0.44 -10.32
C PRO A 110 5.85 1.35 -10.75
N GLU A 111 5.89 1.72 -12.04
CA GLU A 111 6.82 2.79 -12.46
C GLU A 111 6.16 4.14 -12.16
N ARG A 112 6.97 5.17 -11.87
CA ARG A 112 6.42 6.46 -11.52
C ARG A 112 5.47 7.11 -12.54
N ASP A 113 5.96 7.39 -13.76
CA ASP A 113 5.13 8.10 -14.70
C ASP A 113 3.82 7.39 -15.00
N TRP A 114 3.90 6.09 -15.25
CA TRP A 114 2.68 5.31 -15.56
C TRP A 114 1.75 5.29 -14.37
N ALA A 115 2.29 5.13 -13.18
CA ALA A 115 1.41 5.14 -11.98
C ALA A 115 0.66 6.46 -11.78
N GLU A 116 1.36 7.57 -11.94
CA GLU A 116 0.76 8.88 -11.78
C GLU A 116 -0.29 9.18 -12.85
N SER A 117 -0.05 8.74 -14.10
CA SER A 117 -0.97 9.05 -15.15
C SER A 117 -2.14 8.07 -15.27
N THR A 118 -1.86 6.81 -14.91
CA THR A 118 -2.84 5.75 -15.10
C THR A 118 -3.45 5.19 -13.81
N LEU A 119 -2.63 4.96 -12.79
CA LEU A 119 -3.21 4.41 -11.55
C LEU A 119 -3.86 5.49 -10.69
N MET A 120 -3.17 6.61 -10.54
CA MET A 120 -3.67 7.66 -9.63
C MET A 120 -4.81 8.48 -10.22
N THR A 121 -5.13 8.17 -11.47
CA THR A 121 -6.25 8.83 -12.15
C THR A 121 -7.44 7.89 -12.21
N GLN A 122 -7.30 6.67 -11.65
CA GLN A 122 -8.42 5.73 -11.53
C GLN A 122 -9.40 6.33 -10.51
N LYS A 123 -10.62 5.81 -10.49
CA LYS A 123 -11.60 6.34 -9.58
C LYS A 123 -11.20 6.10 -8.13
N THR A 124 -10.75 4.88 -7.84
CA THR A 124 -10.48 4.50 -6.47
C THR A 124 -9.20 3.68 -6.26
N GLY A 125 -8.81 3.62 -5.00
CA GLY A 125 -7.75 2.72 -4.53
C GLY A 125 -8.37 1.90 -3.39
N ILE A 126 -7.58 1.00 -2.79
CA ILE A 126 -8.05 0.15 -1.71
C ILE A 126 -7.10 0.29 -0.54
N VAL A 127 -7.63 0.58 0.66
CA VAL A 127 -6.81 0.68 1.86
C VAL A 127 -7.22 -0.51 2.71
N SER A 128 -6.31 -1.03 3.52
CA SER A 128 -6.65 -2.19 4.35
C SER A 128 -5.92 -2.16 5.68
N GLY A 129 -6.47 -2.85 6.68
CA GLY A 129 -5.81 -2.91 7.98
C GLY A 129 -6.68 -3.48 9.08
N PHE A 130 -6.04 -3.61 10.24
CA PHE A 130 -6.61 -4.11 11.49
C PHE A 130 -6.89 -2.93 12.43
N GLY A 131 -6.97 -1.72 11.90
CA GLY A 131 -7.17 -0.52 12.75
C GLY A 131 -8.59 -0.42 13.27
N ARG A 132 -8.83 0.63 14.06
CA ARG A 132 -10.15 0.86 14.63
C ARG A 132 -11.25 0.92 13.60
N THR A 133 -12.42 0.42 14.00
CA THR A 133 -13.61 0.43 13.12
C THR A 133 -14.47 1.68 13.38
N HIS A 134 -14.08 2.50 14.35
CA HIS A 134 -14.72 3.80 14.64
C HIS A 134 -13.63 4.65 15.30
N GLU A 135 -13.68 5.97 15.17
CA GLU A 135 -12.65 6.87 15.76
C GLU A 135 -12.33 6.57 17.24
N LYS A 136 -13.36 6.32 18.04
CA LYS A 136 -13.17 6.05 19.48
C LYS A 136 -13.09 4.55 19.88
N GLY A 137 -13.16 3.66 18.90
CA GLY A 137 -13.21 2.22 19.16
C GLY A 137 -11.92 1.46 19.47
N ARG A 138 -12.05 0.13 19.52
CA ARG A 138 -10.91 -0.75 19.69
C ARG A 138 -10.43 -1.15 18.30
N GLN A 139 -9.21 -1.66 18.22
CA GLN A 139 -8.63 -2.17 16.97
C GLN A 139 -9.52 -3.32 16.49
N SER A 140 -9.58 -3.55 15.18
CA SER A 140 -10.34 -4.67 14.62
C SER A 140 -9.62 -6.00 14.85
N THR A 141 -10.33 -7.07 15.16
CA THR A 141 -9.63 -8.36 15.24
C THR A 141 -9.67 -9.00 13.85
N ARG A 142 -10.32 -8.36 12.91
CA ARG A 142 -10.44 -8.88 11.54
C ARG A 142 -9.80 -7.91 10.57
N LEU A 143 -9.05 -8.44 9.61
CA LEU A 143 -8.47 -7.58 8.59
C LEU A 143 -9.61 -7.03 7.74
N LYS A 144 -9.60 -5.72 7.50
CA LYS A 144 -10.62 -5.11 6.66
C LYS A 144 -10.00 -4.36 5.50
N MET A 145 -10.81 -4.13 4.48
CA MET A 145 -10.42 -3.38 3.29
C MET A 145 -11.52 -2.40 2.96
N LEU A 146 -11.16 -1.34 2.24
CA LEU A 146 -12.10 -0.31 1.88
C LEU A 146 -11.72 0.32 0.58
N GLU A 147 -12.69 0.44 -0.32
CA GLU A 147 -12.43 1.16 -1.54
C GLU A 147 -12.50 2.67 -1.24
N VAL A 148 -11.44 3.42 -1.59
CA VAL A 148 -11.43 4.87 -1.31
C VAL A 148 -11.16 5.67 -2.57
N PRO A 149 -12.05 6.63 -2.91
CA PRO A 149 -11.83 7.45 -4.09
C PRO A 149 -10.61 8.33 -3.93
N TYR A 150 -9.89 8.55 -5.01
CA TYR A 150 -8.83 9.55 -5.01
C TYR A 150 -9.56 10.87 -4.95
N VAL A 151 -9.00 11.79 -4.18
CA VAL A 151 -9.62 13.09 -3.97
C VAL A 151 -8.80 14.18 -4.65
N ASP A 152 -9.51 15.06 -5.34
CA ASP A 152 -8.93 16.21 -6.02
C ASP A 152 -7.95 16.91 -5.07
N ARG A 153 -6.74 17.10 -5.55
CA ARG A 153 -5.69 17.72 -4.76
C ARG A 153 -6.02 19.11 -4.19
N ASN A 154 -6.64 19.97 -5.01
CA ASN A 154 -7.04 21.29 -4.52
C ASN A 154 -8.09 21.14 -3.39
N SER A 155 -9.09 20.30 -3.62
CA SER A 155 -10.12 20.07 -2.60
C SER A 155 -9.52 19.61 -1.28
N CYS A 156 -8.54 18.73 -1.37
CA CYS A 156 -7.92 18.22 -0.15
C CYS A 156 -7.18 19.29 0.64
N LYS A 157 -6.43 20.13 -0.07
CA LYS A 157 -5.67 21.16 0.61
C LYS A 157 -6.63 22.14 1.25
N LEU A 158 -7.74 22.42 0.56
CA LEU A 158 -8.76 23.32 1.11
C LEU A 158 -9.37 22.75 2.39
N SER A 159 -9.51 21.43 2.43
CA SER A 159 -10.11 20.74 3.57
C SER A 159 -9.22 20.59 4.81
N SER A 160 -7.90 20.69 4.62
CA SER A 160 -6.94 20.37 5.68
C SER A 160 -6.41 21.52 6.54
N SER A 161 -6.31 21.26 7.84
CA SER A 161 -5.75 22.21 8.82
C SER A 161 -4.24 22.09 8.89
N PHE A 162 -3.68 21.07 8.22
CA PHE A 162 -2.24 20.82 8.24
C PHE A 162 -1.76 20.75 6.81
N ILE A 163 -0.51 21.14 6.57
CA ILE A 163 0.01 21.18 5.21
C ILE A 163 -0.02 19.82 4.51
N ILE A 164 -0.38 19.83 3.22
CA ILE A 164 -0.33 18.65 2.34
C ILE A 164 0.87 18.89 1.42
N THR A 165 1.94 18.14 1.62
CA THR A 165 3.13 18.34 0.83
C THR A 165 3.06 17.57 -0.48
N GLN A 166 4.10 17.76 -1.28
CA GLN A 166 4.21 17.06 -2.58
C GLN A 166 4.33 15.54 -2.41
N ASN A 167 4.64 15.11 -1.18
CA ASN A 167 4.85 13.70 -0.82
C ASN A 167 3.61 13.04 -0.26
N MET A 168 2.47 13.72 -0.42
CA MET A 168 1.22 13.24 0.15
C MET A 168 0.10 13.33 -0.88
N PHE A 169 -0.93 12.50 -0.70
CA PHE A 169 -2.14 12.61 -1.50
C PHE A 169 -3.32 12.28 -0.61
N CYS A 170 -4.51 12.66 -1.05
CA CYS A 170 -5.70 12.44 -0.26
C CYS A 170 -6.62 11.43 -0.90
N ALA A 171 -7.30 10.67 -0.07
CA ALA A 171 -8.26 9.68 -0.54
C ALA A 171 -9.34 9.50 0.51
N GLY A 172 -10.52 9.11 0.08
CA GLY A 172 -11.60 8.90 1.05
C GLY A 172 -12.86 9.63 0.65
N TYR A 173 -13.62 9.99 1.67
CA TYR A 173 -14.92 10.62 1.48
C TYR A 173 -15.09 11.89 2.29
N ASP A 174 -15.84 12.81 1.69
CA ASP A 174 -16.19 14.09 2.27
C ASP A 174 -16.99 13.80 3.56
N THR A 175 -18.18 13.18 3.42
CA THR A 175 -19.04 12.89 4.57
C THR A 175 -19.35 11.40 4.85
N LYS A 176 -19.28 10.53 3.81
CA LYS A 176 -19.55 9.09 4.02
C LYS A 176 -18.66 8.55 5.15
N GLN A 177 -19.27 7.78 6.03
CA GLN A 177 -18.59 7.20 7.18
C GLN A 177 -17.70 5.99 6.85
N GLU A 178 -16.66 6.25 6.06
CA GLU A 178 -15.71 5.23 5.63
C GLU A 178 -14.36 5.91 5.50
N ASP A 179 -13.33 5.29 6.08
CA ASP A 179 -11.97 5.85 6.13
C ASP A 179 -11.07 4.82 6.81
N ALA A 180 -9.77 5.07 6.74
CA ALA A 180 -8.79 4.31 7.48
C ALA A 180 -8.87 4.93 8.88
N CYS A 181 -8.23 4.32 9.87
CA CYS A 181 -8.28 4.87 11.21
C CYS A 181 -7.01 4.47 11.99
N GLN A 182 -6.95 4.83 13.27
CA GLN A 182 -5.79 4.54 14.09
C GLN A 182 -5.50 3.04 14.07
N GLY A 183 -4.24 2.69 13.89
CA GLY A 183 -3.84 1.29 13.84
C GLY A 183 -3.66 0.83 12.40
N ASP A 184 -4.25 1.57 11.45
CA ASP A 184 -4.08 1.28 10.00
C ASP A 184 -2.82 1.94 9.42
N SER A 185 -2.28 2.92 10.13
CA SER A 185 -1.08 3.66 9.68
C SER A 185 0.03 2.73 9.23
N GLY A 186 0.72 3.07 8.14
CA GLY A 186 1.81 2.28 7.61
C GLY A 186 1.31 1.19 6.68
N GLY A 187 -0.01 0.98 6.65
CA GLY A 187 -0.62 -0.08 5.86
C GLY A 187 -0.71 0.25 4.36
N PRO A 188 -1.17 -0.72 3.56
CA PRO A 188 -1.21 -0.53 2.11
C PRO A 188 -2.36 0.34 1.58
N HIS A 189 -2.03 1.13 0.57
CA HIS A 189 -3.02 1.76 -0.29
C HIS A 189 -2.57 1.20 -1.66
N VAL A 190 -3.44 0.38 -2.28
CA VAL A 190 -3.11 -0.24 -3.56
C VAL A 190 -4.16 0.15 -4.59
N THR A 191 -3.79 0.11 -5.88
CA THR A 191 -4.73 0.43 -6.93
C THR A 191 -4.75 -0.76 -7.89
N ARG A 192 -5.95 -1.19 -8.26
CA ARG A 192 -6.10 -2.33 -9.09
C ARG A 192 -6.07 -1.88 -10.54
N PHE A 193 -5.35 -2.60 -11.39
CA PHE A 193 -5.34 -2.32 -12.84
C PHE A 193 -5.31 -3.66 -13.54
N LYS A 194 -6.39 -3.97 -14.29
CA LYS A 194 -6.47 -5.28 -14.95
C LYS A 194 -6.13 -6.45 -14.00
N ASP A 195 -6.81 -6.48 -12.87
CA ASP A 195 -6.65 -7.56 -11.88
C ASP A 195 -5.26 -7.73 -11.28
N THR A 196 -4.42 -6.70 -11.40
CA THR A 196 -3.09 -6.70 -10.73
C THR A 196 -3.11 -5.50 -9.81
N TYR A 197 -2.67 -5.68 -8.57
CA TYR A 197 -2.71 -4.63 -7.54
C TYR A 197 -1.34 -4.03 -7.33
N PHE A 198 -1.24 -2.72 -7.56
CA PHE A 198 0.04 -2.00 -7.38
C PHE A 198 0.03 -1.11 -6.18
N VAL A 199 1.18 -1.06 -5.48
CA VAL A 199 1.29 -0.17 -4.32
C VAL A 199 1.26 1.31 -4.78
N THR A 200 0.31 2.10 -4.24
CA THR A 200 0.19 3.52 -4.59
C THR A 200 0.31 4.45 -3.39
N GLY A 201 0.17 3.91 -2.19
CA GLY A 201 0.29 4.82 -1.04
C GLY A 201 0.59 4.09 0.24
N ILE A 202 0.84 4.86 1.28
CA ILE A 202 1.01 4.29 2.60
C ILE A 202 0.05 5.06 3.50
N VAL A 203 -0.77 4.37 4.31
CA VAL A 203 -1.69 5.05 5.24
C VAL A 203 -0.80 5.94 6.13
N SER A 204 -1.09 7.25 6.17
CA SER A 204 -0.21 8.17 6.91
C SER A 204 -0.89 8.90 8.08
N TRP A 205 -1.90 9.71 7.79
CA TRP A 205 -2.56 10.50 8.83
C TRP A 205 -3.91 11.02 8.42
N GLY A 206 -4.65 11.55 9.40
CA GLY A 206 -5.96 12.12 9.09
C GLY A 206 -6.38 12.87 10.34
N GLU A 207 -7.23 13.87 10.15
CA GLU A 207 -7.76 14.63 11.32
C GLU A 207 -8.93 13.80 11.85
N GLY A 208 -8.62 12.83 12.72
CA GLY A 208 -9.63 11.89 13.17
C GLY A 208 -9.87 10.82 12.09
N CYS A 209 -11.00 10.14 12.18
CA CYS A 209 -11.37 9.08 11.22
C CYS A 209 -12.78 9.29 10.74
N ALA A 210 -12.94 9.33 9.41
CA ALA A 210 -14.23 9.50 8.75
C ALA A 210 -14.97 10.78 9.17
N ARG A 211 -14.21 11.81 9.53
CA ARG A 211 -14.83 13.10 9.86
C ARG A 211 -15.41 13.79 8.64
N LYS A 212 -16.48 14.56 8.88
CA LYS A 212 -17.08 15.33 7.78
C LYS A 212 -16.09 16.39 7.32
N GLY A 213 -15.98 16.50 5.99
CA GLY A 213 -15.10 17.49 5.37
C GLY A 213 -13.61 17.22 5.55
N LYS A 214 -13.25 16.01 5.98
CA LYS A 214 -11.85 15.62 6.16
C LYS A 214 -11.61 14.31 5.39
N TYR A 215 -10.40 14.18 4.84
CA TYR A 215 -10.04 12.97 4.07
C TYR A 215 -8.86 12.22 4.72
N GLY A 216 -8.53 11.05 4.18
CA GLY A 216 -7.34 10.30 4.65
C GLY A 216 -6.11 10.78 3.88
N ILE A 217 -5.00 10.95 4.59
CA ILE A 217 -3.82 11.43 3.96
C ILE A 217 -2.80 10.28 3.88
N TYR A 218 -2.32 10.06 2.66
CA TYR A 218 -1.40 8.95 2.38
C TYR A 218 -0.06 9.41 1.83
N THR A 219 1.02 8.72 2.18
CA THR A 219 2.31 8.97 1.55
C THR A 219 2.21 8.58 0.06
N LYS A 220 2.70 9.47 -0.80
CA LYS A 220 2.68 9.32 -2.24
C LYS A 220 3.86 8.44 -2.62
N VAL A 221 3.59 7.16 -2.73
CA VAL A 221 4.65 6.20 -3.01
C VAL A 221 5.36 6.49 -4.33
N THR A 222 4.66 7.07 -5.32
CA THR A 222 5.30 7.30 -6.65
C THR A 222 6.45 8.31 -6.57
N ALA A 223 6.43 9.12 -5.52
CA ALA A 223 7.49 10.13 -5.28
C ALA A 223 8.71 9.43 -4.66
N PHE A 224 8.54 8.17 -4.24
CA PHE A 224 9.61 7.44 -3.56
C PHE A 224 10.09 6.13 -4.19
N LEU A 225 9.75 5.92 -5.46
CA LEU A 225 10.08 4.67 -6.16
C LEU A 225 11.58 4.42 -6.29
N LYS A 226 12.37 5.46 -6.62
CA LYS A 226 13.83 5.29 -6.67
C LYS A 226 14.41 5.06 -5.28
N TRP A 227 13.87 5.76 -4.28
CA TRP A 227 14.30 5.62 -2.90
C TRP A 227 13.99 4.20 -2.41
N ILE A 228 12.79 3.70 -2.70
CA ILE A 228 12.45 2.31 -2.32
C ILE A 228 13.42 1.32 -2.98
N ASP A 229 13.64 1.50 -4.27
CA ASP A 229 14.52 0.63 -5.05
C ASP A 229 15.92 0.55 -4.41
N ARG A 230 16.44 1.72 -4.02
CA ARG A 230 17.75 1.83 -3.37
C ARG A 230 17.79 1.13 -2.01
N SER A 231 16.77 1.36 -1.21
CA SER A 231 16.66 0.74 0.10
C SER A 231 16.58 -0.78 0.04
N MET A 232 16.05 -1.32 -1.07
CA MET A 232 15.89 -2.75 -1.27
C MET A 232 17.12 -3.40 -1.90
N LYS A 233 18.09 -2.60 -2.32
CA LYS A 233 19.34 -3.13 -2.91
C LYS A 233 20.44 -3.27 -1.86
N THR A 234 20.17 -2.68 -0.69
CA THR A 234 21.05 -2.75 0.47
C THR A 234 20.21 -2.44 1.71
N ARG A 235 20.00 -1.26 2.07
N ARG B 81 -7.11 11.12 -27.77
CA ARG B 81 -6.54 9.97 -27.01
C ARG B 81 -5.72 9.09 -27.96
N LYS B 82 -4.40 9.10 -27.79
CA LYS B 82 -3.51 8.32 -28.61
C LYS B 82 -2.50 7.51 -27.80
N LEU B 83 -1.98 6.45 -28.39
CA LEU B 83 -0.94 5.64 -27.76
C LEU B 83 -1.33 5.24 -26.33
N CYS B 84 -0.45 5.52 -25.36
CA CYS B 84 -0.71 5.13 -23.97
C CYS B 84 -1.96 5.73 -23.35
N SER B 85 -2.45 6.84 -23.89
CA SER B 85 -3.69 7.42 -23.37
C SER B 85 -4.90 6.70 -23.94
N LEU B 86 -4.69 5.88 -24.96
CA LEU B 86 -5.77 5.12 -25.54
C LEU B 86 -5.71 3.71 -24.98
N ASP B 87 -6.58 3.46 -24.02
CA ASP B 87 -6.70 2.16 -23.38
C ASP B 87 -5.34 1.57 -22.95
N ASN B 88 -4.47 2.41 -22.38
CA ASN B 88 -3.17 1.97 -21.90
C ASN B 88 -2.30 1.37 -23.00
N GLY B 89 -2.56 1.79 -24.24
CA GLY B 89 -1.78 1.32 -25.41
C GLY B 89 -1.91 -0.19 -25.62
N ASP B 90 -2.97 -0.77 -25.05
CA ASP B 90 -3.23 -2.24 -25.10
C ASP B 90 -2.26 -3.06 -24.20
N CYS B 91 -1.45 -2.38 -23.39
CA CYS B 91 -0.50 -3.06 -22.50
C CYS B 91 -1.22 -3.61 -21.27
N ASP B 92 -0.74 -4.73 -20.75
CA ASP B 92 -1.29 -5.29 -19.49
C ASP B 92 -0.87 -4.43 -18.30
N GLN B 93 0.36 -3.91 -18.36
CA GLN B 93 0.89 -3.13 -17.23
C GLN B 93 1.45 -1.79 -17.71
N PHE B 94 2.76 -1.60 -17.59
CA PHE B 94 3.34 -0.27 -17.87
C PHE B 94 3.30 0.04 -19.35
N CYS B 95 2.99 1.29 -19.69
CA CYS B 95 2.97 1.74 -21.08
C CYS B 95 3.86 2.99 -21.17
N HIS B 96 4.80 3.00 -22.13
CA HIS B 96 5.65 4.17 -22.44
C HIS B 96 5.51 4.53 -23.92
N GLU B 97 5.68 5.80 -24.25
CA GLU B 97 5.64 6.23 -25.65
C GLU B 97 7.09 6.50 -26.05
N GLU B 98 7.53 5.86 -27.12
CA GLU B 98 8.88 6.03 -27.64
C GLU B 98 8.75 6.24 -29.14
N GLN B 99 9.56 7.15 -29.68
CA GLN B 99 9.54 7.47 -31.11
C GLN B 99 8.13 7.35 -31.68
N ASN B 100 7.20 8.03 -31.02
CA ASN B 100 5.77 8.02 -31.37
C ASN B 100 5.07 6.64 -31.50
N SER B 101 5.45 5.71 -30.62
CA SER B 101 4.78 4.41 -30.55
C SER B 101 4.79 3.87 -29.12
N VAL B 102 3.87 2.95 -28.87
CA VAL B 102 3.70 2.33 -27.55
C VAL B 102 4.74 1.28 -27.28
N VAL B 103 5.32 1.30 -26.08
CA VAL B 103 6.23 0.24 -25.64
C VAL B 103 5.67 -0.25 -24.29
N CYS B 104 5.33 -1.52 -24.22
CA CYS B 104 4.79 -2.10 -22.99
C CYS B 104 5.92 -2.72 -22.16
N SER B 105 5.74 -2.80 -20.86
CA SER B 105 6.69 -3.51 -20.01
C SER B 105 5.93 -3.99 -18.78
N CYS B 106 6.63 -4.71 -17.92
CA CYS B 106 5.98 -5.33 -16.79
C CYS B 106 6.74 -5.17 -15.49
N ALA B 107 6.02 -5.40 -14.40
CA ALA B 107 6.61 -5.36 -13.07
C ALA B 107 7.60 -6.50 -12.89
N ARG B 108 8.46 -6.34 -11.89
CA ARG B 108 9.46 -7.33 -11.59
C ARG B 108 8.74 -8.64 -11.27
N GLY B 109 9.24 -9.74 -11.82
CA GLY B 109 8.58 -11.02 -11.62
C GLY B 109 7.59 -11.40 -12.73
N TYR B 110 7.50 -10.55 -13.77
CA TYR B 110 6.67 -10.84 -14.95
C TYR B 110 7.58 -10.71 -16.17
N THR B 111 7.26 -11.43 -17.23
CA THR B 111 7.96 -11.33 -18.51
C THR B 111 6.97 -10.89 -19.57
N LEU B 112 7.39 -10.00 -20.45
CA LEU B 112 6.54 -9.55 -21.53
C LEU B 112 6.30 -10.72 -22.48
N ALA B 113 5.06 -10.95 -22.84
CA ALA B 113 4.67 -12.03 -23.73
C ALA B 113 5.17 -11.74 -25.16
N ASP B 114 5.08 -12.75 -26.03
CA ASP B 114 5.46 -12.60 -27.43
C ASP B 114 4.73 -11.48 -28.16
N ASN B 115 3.49 -11.19 -27.77
CA ASN B 115 2.75 -10.12 -28.44
C ASN B 115 3.22 -8.73 -28.02
N GLY B 116 4.24 -8.68 -27.14
CA GLY B 116 4.84 -7.46 -26.63
C GLY B 116 3.85 -6.63 -25.81
N LYS B 117 2.76 -7.25 -25.35
CA LYS B 117 1.73 -6.52 -24.59
C LYS B 117 1.34 -7.16 -23.27
N ALA B 118 1.11 -8.46 -23.27
CA ALA B 118 0.69 -9.15 -22.04
C ALA B 118 1.88 -9.40 -21.14
N CYS B 119 1.61 -9.51 -19.84
CA CYS B 119 2.63 -9.78 -18.84
C CYS B 119 2.39 -11.17 -18.23
N ILE B 120 3.42 -12.00 -18.22
CA ILE B 120 3.31 -13.38 -17.79
C ILE B 120 4.12 -13.61 -16.51
N PRO B 121 3.48 -14.13 -15.46
CA PRO B 121 4.23 -14.39 -14.22
C PRO B 121 5.36 -15.37 -14.48
N THR B 122 6.53 -15.11 -13.92
CA THR B 122 7.71 -15.98 -14.14
C THR B 122 7.74 -17.15 -13.17
N GLY B 123 7.04 -17.04 -12.07
CA GLY B 123 7.03 -18.11 -11.09
C GLY B 123 5.85 -17.95 -10.17
N PRO B 124 5.80 -18.75 -9.09
CA PRO B 124 4.63 -18.73 -8.23
C PRO B 124 4.51 -17.43 -7.40
N TYR B 125 3.28 -17.14 -7.00
CA TYR B 125 2.95 -15.95 -6.18
C TYR B 125 3.55 -14.68 -6.77
N PRO B 126 3.15 -14.34 -8.02
CA PRO B 126 3.70 -13.12 -8.60
C PRO B 126 3.11 -11.90 -7.87
N CYS B 127 3.82 -10.78 -7.89
CA CYS B 127 3.28 -9.63 -7.16
C CYS B 127 1.93 -9.18 -7.69
N GLY B 128 1.15 -8.64 -6.78
CA GLY B 128 -0.11 -7.98 -7.15
C GLY B 128 -1.25 -8.86 -7.52
N LYS B 129 -1.11 -10.16 -7.30
CA LYS B 129 -2.25 -11.06 -7.57
C LYS B 129 -2.84 -11.60 -6.27
N GLN B 130 -4.16 -11.54 -6.14
CA GLN B 130 -4.81 -12.14 -4.99
C GLN B 130 -4.54 -13.66 -5.05
N THR B 131 -4.44 -14.31 -3.90
CA THR B 131 -4.07 -15.72 -3.87
C THR B 131 -5.40 -16.48 -3.87
N LEU B 132 -5.72 -17.05 -5.04
CA LEU B 132 -6.98 -17.78 -5.30
C LEU B 132 -8.18 -16.93 -4.90
#